data_1OC0
#
_entry.id   1OC0
#
_cell.length_a   47.501
_cell.length_b   90.087
_cell.length_c   100.163
_cell.angle_alpha   90.00
_cell.angle_beta   90.00
_cell.angle_gamma   90.00
#
_symmetry.space_group_name_H-M   'P 21 21 21'
#
loop_
_entity.id
_entity.type
_entity.pdbx_description
1 polymer 'PLASMINOGEN ACTIVATOR INHIBITOR-1'
2 polymer VITRONECTIN
3 water water
#
loop_
_entity_poly.entity_id
_entity_poly.type
_entity_poly.pdbx_seq_one_letter_code
_entity_poly.pdbx_strand_id
1 'polypeptide(L)'
;VHHPPSYVAHLASDFGVRVFQQVAQASKDRNVVFSPYGVASVLAMLQLTTGGETQQQIQAAMGFKIDDKGMAPALRHLYK
ELMGPWNKDEISTTDAIFVQRDLKLVQGFMPHFFRLFRSTVKQVDFSEVERARFIINDWVKTHTKGMISHLLGTGAVDQL
TRLVLVNALYFNGQWKTPFPDSSTHRRLFHKSDGSTVSVPMMAQTNKFNYTEFTTPDGHYYDILELPYHGDTLSMFIAAP
YEKEVPLSALTNILSAQLISHWKGNMTRLPRLLVLPKFSLETEVDLRKPLENLGMTDMFRQFQADFTSLSDQEPLHVALA
LQKVKIEVNESGTVASSSTAVIVSARMAPEEIIIDRPFLFVVRHNPTGTVLFMGQVMEP
;
A
2 'polypeptide(L)' DQESCKGRCTEGFNVDKKCQCDELCSYYQSCCTDYTAECKPQVTRGDVFTM B
#
# COMPACT_ATOMS: atom_id res chain seq x y z
N SER A 6 18.94 -2.52 2.15
CA SER A 6 18.80 -3.92 1.64
C SER A 6 18.30 -3.98 0.20
N TYR A 7 18.76 -5.01 -0.52
CA TYR A 7 18.34 -5.26 -1.90
C TYR A 7 16.83 -5.50 -2.02
N VAL A 8 16.24 -6.15 -1.04
CA VAL A 8 14.84 -6.54 -1.14
C VAL A 8 13.88 -5.35 -0.99
N ALA A 9 14.27 -4.38 -0.16
CA ALA A 9 13.52 -3.14 0.01
C ALA A 9 13.46 -2.38 -1.33
N HIS A 10 14.59 -2.32 -2.01
CA HIS A 10 14.64 -1.71 -3.33
C HIS A 10 13.86 -2.53 -4.38
N LEU A 11 14.03 -3.85 -4.39
CA LEU A 11 13.29 -4.68 -5.35
C LEU A 11 11.79 -4.57 -5.10
N ALA A 12 11.39 -4.57 -3.83
CA ALA A 12 9.97 -4.47 -3.48
C ALA A 12 9.38 -3.11 -3.86
N SER A 13 10.14 -2.05 -3.65
CA SER A 13 9.70 -0.74 -4.11
C SER A 13 9.65 -0.63 -5.64
N ASP A 14 10.64 -1.17 -6.33
CA ASP A 14 10.65 -1.14 -7.79
C ASP A 14 9.41 -1.83 -8.35
N PHE A 15 9.07 -2.99 -7.79
CA PHE A 15 7.90 -3.77 -8.24
C PHE A 15 6.62 -2.98 -8.01
N GLY A 16 6.48 -2.44 -6.80
CA GLY A 16 5.32 -1.65 -6.46
C GLY A 16 5.17 -0.39 -7.29
N VAL A 17 6.29 0.25 -7.65
CA VAL A 17 6.24 1.40 -8.56
C VAL A 17 5.79 1.00 -9.96
N ARG A 18 6.29 -0.14 -10.46
CA ARG A 18 5.83 -0.64 -11.76
C ARG A 18 4.32 -0.90 -11.74
N VAL A 19 3.80 -1.40 -10.61
CA VAL A 19 2.33 -1.59 -10.47
C VAL A 19 1.63 -0.26 -10.49
N PHE A 20 2.15 0.71 -9.75
CA PHE A 20 1.58 2.06 -9.74
C PHE A 20 1.47 2.66 -11.13
N GLN A 21 2.50 2.42 -11.94
CA GLN A 21 2.52 2.92 -13.32
C GLN A 21 1.39 2.36 -14.17
N GLN A 22 1.10 1.06 -14.02
CA GLN A 22 -0.04 0.41 -14.69
C GLN A 22 -1.36 1.03 -14.23
N VAL A 23 -1.51 1.24 -12.94
CA VAL A 23 -2.69 1.87 -12.37
C VAL A 23 -2.87 3.32 -12.91
N ALA A 24 -1.82 4.15 -12.79
CA ALA A 24 -1.84 5.52 -13.33
C ALA A 24 -2.20 5.58 -14.82
N GLN A 25 -1.67 4.64 -15.61
CA GLN A 25 -1.94 4.60 -17.05
C GLN A 25 -3.44 4.44 -17.38
N ALA A 26 -4.13 3.66 -16.57
CA ALA A 26 -5.54 3.39 -16.80
C ALA A 26 -6.47 4.38 -16.05
N SER A 27 -5.86 5.38 -15.40
CA SER A 27 -6.59 6.30 -14.51
C SER A 27 -7.21 7.54 -15.14
N LYS A 28 -6.80 7.87 -16.37
CA LYS A 28 -7.31 9.06 -17.06
C LYS A 28 -6.84 10.33 -16.35
N ASP A 29 -7.82 11.20 -16.11
CA ASP A 29 -7.59 12.46 -15.45
C ASP A 29 -7.92 12.34 -13.98
N ARG A 30 -7.87 11.13 -13.41
CA ARG A 30 -8.30 11.01 -12.02
C ARG A 30 -7.15 11.04 -11.03
N ASN A 31 -7.45 11.52 -9.83
CA ASN A 31 -6.58 11.37 -8.70
C ASN A 31 -6.39 9.89 -8.45
N VAL A 32 -5.18 9.55 -8.02
CA VAL A 32 -4.88 8.19 -7.60
C VAL A 32 -3.99 8.26 -6.40
N VAL A 33 -4.30 7.47 -5.39
CA VAL A 33 -3.34 7.20 -4.36
C VAL A 33 -3.09 5.70 -4.35
N PHE A 34 -1.87 5.29 -4.06
CA PHE A 34 -1.48 3.88 -4.16
C PHE A 34 -0.36 3.56 -3.18
N SER A 35 -0.17 2.27 -2.87
CA SER A 35 0.97 1.86 -2.05
C SER A 35 1.86 0.82 -2.74
N PRO A 36 3.00 1.23 -3.29
CA PRO A 36 4.00 0.28 -3.81
C PRO A 36 4.49 -0.71 -2.77
N TYR A 37 4.81 -0.23 -1.57
CA TYR A 37 5.22 -1.12 -0.50
C TYR A 37 4.14 -2.15 -0.20
N GLY A 38 2.89 -1.69 -0.08
CA GLY A 38 1.77 -2.54 0.26
C GLY A 38 1.53 -3.69 -0.72
N VAL A 39 1.57 -3.39 -2.03
CA VAL A 39 1.31 -4.45 -3.01
C VAL A 39 2.48 -5.46 -3.12
N ALA A 40 3.70 -4.95 -2.93
CA ALA A 40 4.89 -5.83 -2.88
C ALA A 40 4.81 -6.82 -1.72
N SER A 41 4.42 -6.31 -0.56
CA SER A 41 4.34 -7.12 0.66
C SER A 41 3.30 -8.24 0.55
N VAL A 42 2.12 -7.92 0.04
CA VAL A 42 1.12 -8.96 -0.07
C VAL A 42 1.41 -9.98 -1.20
N LEU A 43 2.01 -9.51 -2.29
CA LEU A 43 2.42 -10.41 -3.38
C LEU A 43 3.61 -11.28 -2.98
N ALA A 44 4.55 -10.74 -2.22
CA ALA A 44 5.62 -11.54 -1.63
C ALA A 44 5.05 -12.70 -0.76
N MET A 45 4.00 -12.43 0.02
CA MET A 45 3.40 -13.48 0.85
C MET A 45 2.69 -14.50 -0.01
N LEU A 46 2.06 -14.02 -1.09
CA LEU A 46 1.34 -14.90 -1.99
C LEU A 46 2.29 -15.87 -2.67
N GLN A 47 3.56 -15.51 -2.82
CA GLN A 47 4.55 -16.39 -3.45
C GLN A 47 4.61 -17.74 -2.74
N LEU A 48 4.41 -17.72 -1.42
CA LEU A 48 4.51 -18.94 -0.65
C LEU A 48 3.40 -19.92 -0.97
N THR A 49 2.25 -19.39 -1.36
CA THR A 49 1.06 -20.18 -1.62
C THR A 49 1.06 -20.83 -3.00
N THR A 50 1.93 -20.36 -3.89
CA THR A 50 1.84 -20.72 -5.31
C THR A 50 2.85 -21.77 -5.77
N GLY A 51 2.63 -22.39 -6.91
CA GLY A 51 3.63 -23.28 -7.50
C GLY A 51 3.66 -23.08 -9.02
N GLY A 52 4.49 -23.87 -9.70
CA GLY A 52 4.49 -23.95 -11.14
C GLY A 52 4.65 -22.60 -11.79
N GLU A 53 3.90 -22.37 -12.88
CA GLU A 53 3.99 -21.12 -13.63
C GLU A 53 3.38 -19.92 -12.90
N THR A 54 2.46 -20.18 -11.98
CA THR A 54 1.86 -19.13 -11.19
C THR A 54 2.95 -18.51 -10.30
N GLN A 55 3.69 -19.36 -9.58
CA GLN A 55 4.84 -18.90 -8.82
C GLN A 55 5.89 -18.24 -9.68
N GLN A 56 6.23 -18.87 -10.82
CA GLN A 56 7.27 -18.34 -11.71
C GLN A 56 6.92 -16.90 -12.14
N GLN A 57 5.66 -16.66 -12.50
CA GLN A 57 5.25 -15.36 -13.03
C GLN A 57 5.37 -14.30 -11.99
N ILE A 58 5.03 -14.63 -10.75
CA ILE A 58 5.13 -13.67 -9.67
C ILE A 58 6.60 -13.36 -9.37
N GLN A 59 7.41 -14.40 -9.31
CA GLN A 59 8.83 -14.26 -8.97
C GLN A 59 9.59 -13.48 -10.04
N ALA A 60 9.30 -13.76 -11.31
CA ALA A 60 9.86 -13.00 -12.42
C ALA A 60 9.48 -11.52 -12.40
N ALA A 61 8.22 -11.20 -12.11
CA ALA A 61 7.77 -9.80 -12.08
C ALA A 61 8.30 -9.00 -10.86
N MET A 62 8.36 -9.66 -9.70
CA MET A 62 8.88 -9.06 -8.47
C MET A 62 10.40 -8.96 -8.46
N GLY A 63 11.06 -9.87 -9.18
CA GLY A 63 12.51 -9.88 -9.27
C GLY A 63 13.24 -10.58 -8.12
N PHE A 64 12.51 -11.32 -7.30
CA PHE A 64 13.11 -12.11 -6.22
C PHE A 64 12.13 -13.17 -5.74
N LYS A 65 12.68 -14.19 -5.08
CA LYS A 65 11.91 -15.26 -4.46
C LYS A 65 11.90 -15.07 -2.96
N ILE A 66 10.71 -15.12 -2.37
CA ILE A 66 10.57 -14.84 -0.94
C ILE A 66 11.35 -15.86 -0.10
N ASP A 67 11.50 -17.06 -0.65
CA ASP A 67 12.20 -18.19 -0.02
C ASP A 67 13.73 -18.04 0.04
N ASP A 68 14.30 -17.22 -0.85
CA ASP A 68 15.74 -17.00 -0.88
C ASP A 68 16.25 -16.42 0.44
N LYS A 69 17.48 -16.78 0.79
CA LYS A 69 18.21 -16.28 1.96
C LYS A 69 18.08 -14.78 2.14
N GLY A 70 17.61 -14.37 3.31
CA GLY A 70 17.59 -12.96 3.68
C GLY A 70 16.41 -12.16 3.18
N MET A 71 15.62 -12.75 2.27
CA MET A 71 14.49 -12.04 1.66
C MET A 71 13.37 -11.81 2.63
N ALA A 72 12.84 -12.89 3.22
CA ALA A 72 11.82 -12.75 4.27
C ALA A 72 12.26 -11.98 5.56
N PRO A 73 13.44 -12.25 6.12
CA PRO A 73 13.88 -11.48 7.30
C PRO A 73 13.92 -9.95 7.08
N ALA A 74 14.42 -9.53 5.93
CA ALA A 74 14.46 -8.12 5.58
C ALA A 74 13.08 -7.51 5.39
N LEU A 75 12.12 -8.28 4.86
CA LEU A 75 10.74 -7.80 4.82
C LEU A 75 10.08 -7.70 6.19
N ARG A 76 10.33 -8.68 7.07
CA ARG A 76 9.83 -8.64 8.45
C ARG A 76 10.39 -7.42 9.18
N HIS A 77 11.67 -7.13 8.92
CA HIS A 77 12.35 -6.03 9.57
C HIS A 77 11.68 -4.73 9.16
N LEU A 78 11.47 -4.55 7.86
CA LEU A 78 10.76 -3.37 7.36
C LEU A 78 9.38 -3.20 8.02
N TYR A 79 8.60 -4.28 8.05
CA TYR A 79 7.29 -4.27 8.68
C TYR A 79 7.35 -3.85 10.16
N LYS A 80 8.27 -4.45 10.92
CA LYS A 80 8.41 -4.15 12.34
C LYS A 80 8.67 -2.66 12.51
N GLU A 81 9.63 -2.16 11.75
CA GLU A 81 10.05 -0.75 11.76
C GLU A 81 8.88 0.23 11.57
N LEU A 82 8.02 -0.04 10.57
CA LEU A 82 6.88 0.81 10.30
C LEU A 82 5.89 0.85 11.45
N MET A 83 5.98 -0.14 12.35
CA MET A 83 5.13 -0.21 13.54
C MET A 83 5.80 0.41 14.77
N GLY A 84 6.98 0.98 14.57
CA GLY A 84 7.72 1.57 15.69
C GLY A 84 6.98 2.66 16.47
N PRO A 85 7.56 3.09 17.58
CA PRO A 85 6.96 4.15 18.41
C PRO A 85 6.89 5.51 17.71
N TRP A 86 7.77 5.73 16.73
CA TRP A 86 7.80 6.96 15.95
C TRP A 86 6.49 7.21 15.16
N ASN A 87 5.82 6.14 14.73
CA ASN A 87 4.59 6.19 13.95
C ASN A 87 3.38 6.48 14.84
N LYS A 88 2.95 7.74 14.86
CA LYS A 88 1.91 8.18 15.81
C LYS A 88 0.52 7.90 15.26
N ASP A 89 0.23 6.62 14.98
CA ASP A 89 -0.95 6.25 14.20
C ASP A 89 -1.00 7.04 12.91
N GLU A 90 0.18 7.29 12.35
CA GLU A 90 0.31 7.98 11.07
C GLU A 90 0.10 7.06 9.87
N ILE A 91 0.59 5.81 9.96
CA ILE A 91 0.41 4.76 8.94
C ILE A 91 -0.33 3.60 9.59
N SER A 92 -1.49 3.24 9.05
CA SER A 92 -2.21 2.05 9.50
C SER A 92 -2.41 1.16 8.29
N THR A 93 -1.71 0.03 8.27
CA THR A 93 -1.75 -0.91 7.14
C THR A 93 -2.26 -2.27 7.55
N THR A 94 -2.82 -2.98 6.57
CA THR A 94 -3.14 -4.39 6.71
C THR A 94 -3.02 -5.13 5.37
N ASP A 95 -2.31 -6.25 5.39
CA ASP A 95 -2.31 -7.23 4.30
C ASP A 95 -3.00 -8.47 4.83
N ALA A 96 -3.92 -8.99 4.04
CA ALA A 96 -4.58 -10.23 4.40
C ALA A 96 -4.88 -11.07 3.19
N ILE A 97 -4.60 -12.36 3.29
CA ILE A 97 -5.09 -13.34 2.34
C ILE A 97 -6.22 -14.14 2.98
N PHE A 98 -7.35 -14.21 2.29
CA PHE A 98 -8.49 -14.97 2.80
C PHE A 98 -8.71 -16.15 1.90
N VAL A 99 -8.78 -17.35 2.49
CA VAL A 99 -9.11 -18.58 1.77
C VAL A 99 -10.37 -19.23 2.38
N GLN A 100 -11.10 -19.97 1.55
CA GLN A 100 -12.23 -20.76 1.99
C GLN A 100 -11.87 -21.55 3.26
N ARG A 101 -12.57 -21.24 4.35
CA ARG A 101 -12.33 -21.78 5.69
C ARG A 101 -12.20 -23.30 5.83
N ASP A 102 -13.04 -24.05 5.13
CA ASP A 102 -13.07 -25.49 5.30
C ASP A 102 -12.26 -26.24 4.24
N LEU A 103 -11.52 -25.48 3.43
CA LEU A 103 -10.61 -26.07 2.46
C LEU A 103 -9.40 -26.65 3.16
N LYS A 104 -9.16 -27.94 2.96
CA LYS A 104 -8.00 -28.63 3.50
C LYS A 104 -6.68 -28.03 3.00
N LEU A 105 -5.85 -27.57 3.92
CA LEU A 105 -4.57 -26.99 3.55
C LEU A 105 -3.41 -27.99 3.66
N VAL A 106 -2.37 -27.76 2.86
CA VAL A 106 -1.19 -28.59 2.89
C VAL A 106 -0.58 -28.64 4.29
N GLN A 107 -0.17 -29.85 4.70
CA GLN A 107 0.48 -30.05 5.99
C GLN A 107 1.67 -29.12 6.15
N GLY A 108 1.69 -28.37 7.25
CA GLY A 108 2.81 -27.53 7.60
C GLY A 108 2.86 -26.18 6.88
N PHE A 109 1.86 -25.87 6.07
CA PHE A 109 1.91 -24.61 5.34
C PHE A 109 1.85 -23.39 6.27
N MET A 110 0.92 -23.42 7.23
CA MET A 110 0.72 -22.29 8.12
C MET A 110 1.89 -21.93 9.03
N PRO A 111 2.49 -22.91 9.74
CA PRO A 111 3.66 -22.61 10.58
C PRO A 111 4.81 -22.09 9.74
N HIS A 112 4.93 -22.62 8.52
CA HIS A 112 5.92 -22.16 7.55
C HIS A 112 5.61 -20.70 7.15
N PHE A 113 4.35 -20.41 6.81
CA PHE A 113 3.91 -19.03 6.51
C PHE A 113 4.15 -18.14 7.73
N PHE A 114 3.78 -18.62 8.91
CA PHE A 114 4.01 -17.87 10.14
C PHE A 114 5.49 -17.59 10.42
N ARG A 115 6.35 -18.58 10.22
CA ARG A 115 7.78 -18.38 10.39
C ARG A 115 8.28 -17.23 9.52
N LEU A 116 7.88 -17.18 8.26
CA LEU A 116 8.34 -16.14 7.34
C LEU A 116 7.72 -14.76 7.56
N PHE A 117 6.43 -14.70 7.85
CA PHE A 117 5.75 -13.41 7.88
C PHE A 117 5.21 -12.98 9.23
N ARG A 118 5.13 -13.90 10.20
CA ARG A 118 4.55 -13.61 11.52
C ARG A 118 3.07 -13.18 11.43
N SER A 119 2.34 -13.84 10.53
CA SER A 119 0.88 -13.76 10.46
C SER A 119 0.45 -15.08 9.81
N THR A 120 -0.85 -15.26 9.60
CA THR A 120 -1.33 -16.44 8.91
C THR A 120 -2.22 -16.05 7.74
N VAL A 121 -2.59 -17.04 6.92
CA VAL A 121 -3.63 -16.88 5.89
C VAL A 121 -4.97 -17.09 6.60
N LYS A 122 -5.85 -16.09 6.52
CA LYS A 122 -7.16 -16.11 7.21
C LYS A 122 -8.13 -17.01 6.49
N GLN A 123 -9.03 -17.62 7.27
CA GLN A 123 -9.85 -18.72 6.82
C GLN A 123 -11.31 -18.39 7.13
N VAL A 124 -12.05 -17.99 6.08
CA VAL A 124 -13.38 -17.41 6.19
C VAL A 124 -14.32 -18.22 5.30
N ASP A 125 -15.56 -18.40 5.75
CA ASP A 125 -16.48 -19.24 5.00
C ASP A 125 -17.26 -18.39 3.99
N PHE A 126 -16.76 -18.34 2.76
CA PHE A 126 -17.37 -17.60 1.64
C PHE A 126 -18.77 -18.09 1.22
N SER A 127 -19.11 -19.34 1.56
CA SER A 127 -20.43 -19.86 1.21
C SER A 127 -21.56 -19.15 1.96
N GLU A 128 -21.31 -18.70 3.18
CA GLU A 128 -22.19 -17.71 3.85
C GLU A 128 -21.82 -16.28 3.43
N VAL A 129 -22.37 -15.87 2.29
CA VAL A 129 -21.89 -14.68 1.55
C VAL A 129 -21.87 -13.37 2.33
N GLU A 130 -23.03 -12.96 2.85
CA GLU A 130 -23.12 -11.72 3.62
C GLU A 130 -22.23 -11.71 4.87
N ARG A 131 -22.14 -12.84 5.56
CA ARG A 131 -21.31 -12.98 6.77
C ARG A 131 -19.81 -12.85 6.46
N ALA A 132 -19.34 -13.59 5.46
CA ALA A 132 -17.93 -13.47 5.01
C ALA A 132 -17.56 -12.02 4.67
N ARG A 133 -18.47 -11.29 4.04
CA ARG A 133 -18.24 -9.90 3.64
C ARG A 133 -18.22 -9.00 4.87
N PHE A 134 -19.11 -9.27 5.82
CA PHE A 134 -19.03 -8.57 7.09
C PHE A 134 -17.68 -8.83 7.77
N ILE A 135 -17.24 -10.09 7.77
CA ILE A 135 -15.99 -10.47 8.44
C ILE A 135 -14.80 -9.78 7.83
N ILE A 136 -14.70 -9.83 6.50
CA ILE A 136 -13.56 -9.25 5.82
C ILE A 136 -13.52 -7.75 6.04
N ASN A 137 -14.68 -7.11 5.87
CA ASN A 137 -14.81 -5.67 6.10
C ASN A 137 -14.44 -5.24 7.52
N ASP A 138 -14.94 -5.97 8.52
CA ASP A 138 -14.66 -5.67 9.92
C ASP A 138 -13.18 -5.89 10.25
N TRP A 139 -12.60 -6.96 9.72
CA TRP A 139 -11.16 -7.17 9.83
C TRP A 139 -10.36 -5.98 9.33
N VAL A 140 -10.74 -5.47 8.16
CA VAL A 140 -9.99 -4.42 7.51
C VAL A 140 -10.13 -3.15 8.33
N LYS A 141 -11.36 -2.83 8.72
CA LYS A 141 -11.67 -1.65 9.54
C LYS A 141 -10.85 -1.61 10.85
N THR A 142 -10.93 -2.66 11.66
CA THR A 142 -10.24 -2.72 12.95
C THR A 142 -8.70 -2.76 12.83
N HIS A 143 -8.19 -3.07 11.65
CA HIS A 143 -6.74 -3.17 11.46
C HIS A 143 -6.20 -1.96 10.72
N THR A 144 -7.07 -1.02 10.40
CA THR A 144 -6.65 0.27 9.87
C THR A 144 -7.15 1.40 10.78
N LYS A 145 -7.28 1.09 12.08
CA LYS A 145 -7.77 2.03 13.08
C LYS A 145 -9.07 2.74 12.66
N GLY A 146 -9.98 1.97 12.06
CA GLY A 146 -11.28 2.46 11.66
C GLY A 146 -11.32 3.32 10.41
N MET A 147 -10.20 3.38 9.68
CA MET A 147 -10.08 4.29 8.55
C MET A 147 -10.57 3.70 7.22
N ILE A 148 -10.36 2.41 7.00
CA ILE A 148 -10.86 1.77 5.80
C ILE A 148 -12.06 0.88 6.14
N SER A 149 -13.25 1.44 6.04
CA SER A 149 -14.48 0.67 6.27
C SER A 149 -15.20 0.35 4.95
N HIS A 150 -16.13 -0.61 5.00
CA HIS A 150 -16.87 -1.05 3.81
C HIS A 150 -16.00 -1.29 2.57
N LEU A 151 -14.90 -2.00 2.73
CA LEU A 151 -14.08 -2.33 1.58
C LEU A 151 -14.90 -3.04 0.50
N LEU A 152 -15.72 -4.00 0.90
CA LEU A 152 -16.50 -4.79 -0.04
C LEU A 152 -17.97 -4.43 0.09
N GLY A 153 -18.55 -3.92 -1.01
CA GLY A 153 -19.99 -3.67 -1.06
C GLY A 153 -20.73 -4.96 -1.38
N THR A 154 -22.07 -4.94 -1.31
CA THR A 154 -22.89 -6.11 -1.66
C THR A 154 -22.58 -6.62 -3.07
N GLY A 155 -22.48 -7.94 -3.22
CA GLY A 155 -22.14 -8.55 -4.48
C GLY A 155 -20.65 -8.50 -4.85
N ALA A 156 -19.80 -7.95 -3.98
CA ALA A 156 -18.35 -7.96 -4.26
C ALA A 156 -17.72 -9.36 -4.32
N VAL A 157 -18.30 -10.29 -3.58
CA VAL A 157 -17.86 -11.69 -3.53
C VAL A 157 -19.12 -12.51 -3.64
N ASP A 158 -19.01 -13.77 -4.06
CA ASP A 158 -20.16 -14.65 -4.00
C ASP A 158 -19.85 -16.03 -3.44
N GLN A 159 -20.81 -16.93 -3.60
CA GLN A 159 -20.73 -18.25 -3.02
C GLN A 159 -19.55 -19.07 -3.55
N LEU A 160 -19.08 -18.76 -4.76
CA LEU A 160 -18.02 -19.53 -5.39
C LEU A 160 -16.65 -18.91 -5.15
N THR A 161 -16.61 -17.78 -4.47
CA THR A 161 -15.38 -17.11 -4.11
C THR A 161 -14.59 -18.01 -3.16
N ARG A 162 -13.33 -18.27 -3.46
CA ARG A 162 -12.54 -19.13 -2.59
C ARG A 162 -11.27 -18.48 -2.04
N LEU A 163 -10.78 -17.47 -2.76
CA LEU A 163 -9.50 -16.84 -2.45
C LEU A 163 -9.49 -15.35 -2.84
N VAL A 164 -9.12 -14.52 -1.87
CA VAL A 164 -9.24 -13.08 -1.97
C VAL A 164 -8.01 -12.46 -1.30
N LEU A 165 -7.38 -11.49 -1.98
CA LEU A 165 -6.25 -10.73 -1.43
C LEU A 165 -6.67 -9.30 -1.17
N VAL A 166 -6.36 -8.83 0.03
CA VAL A 166 -6.67 -7.47 0.39
C VAL A 166 -5.44 -6.76 0.98
N ASN A 167 -5.27 -5.52 0.60
CA ASN A 167 -4.24 -4.69 1.17
C ASN A 167 -4.91 -3.34 1.41
N ALA A 168 -4.93 -2.88 2.65
CA ALA A 168 -5.58 -1.62 2.98
C ALA A 168 -4.67 -0.74 3.82
N LEU A 169 -4.52 0.52 3.42
CA LEU A 169 -3.59 1.42 4.09
C LEU A 169 -4.20 2.79 4.33
N TYR A 170 -3.83 3.39 5.45
CA TYR A 170 -4.21 4.75 5.72
C TYR A 170 -2.94 5.54 6.07
N PHE A 171 -2.86 6.78 5.58
CA PHE A 171 -1.73 7.64 5.89
C PHE A 171 -2.17 9.09 6.15
N ASN A 172 -1.68 9.62 7.26
CA ASN A 172 -1.77 11.04 7.59
C ASN A 172 -0.54 11.41 8.41
N GLY A 173 0.46 11.98 7.75
CA GLY A 173 1.72 12.23 8.46
C GLY A 173 1.73 13.57 9.20
N GLN A 174 2.51 13.63 10.28
CA GLN A 174 2.68 14.85 11.05
C GLN A 174 3.98 15.49 10.57
N TRP A 175 3.89 16.72 10.05
CA TRP A 175 5.05 17.42 9.45
C TRP A 175 6.10 17.71 10.48
N LYS A 176 7.35 17.82 10.05
CA LYS A 176 8.44 18.27 10.95
C LYS A 176 8.20 19.75 11.30
N THR A 177 7.80 20.52 10.29
CA THR A 177 7.36 21.90 10.42
C THR A 177 5.95 21.96 9.82
N PRO A 178 4.92 22.07 10.67
CA PRO A 178 3.55 22.24 10.16
C PRO A 178 3.31 23.58 9.41
N PHE A 179 2.30 23.58 8.56
CA PHE A 179 1.85 24.79 7.88
C PHE A 179 0.93 25.56 8.82
N PRO A 180 1.20 26.87 9.02
CA PRO A 180 0.30 27.68 9.85
C PRO A 180 -1.09 27.74 9.21
N ASP A 181 -2.12 27.46 10.01
CA ASP A 181 -3.53 27.46 9.58
C ASP A 181 -3.96 28.76 8.91
N SER A 182 -3.45 29.87 9.42
CA SER A 182 -3.90 31.19 8.98
C SER A 182 -3.36 31.54 7.60
N SER A 183 -2.35 30.80 7.15
CA SER A 183 -1.77 30.95 5.83
C SER A 183 -2.57 30.20 4.76
N THR A 184 -3.57 29.43 5.19
CA THR A 184 -4.36 28.62 4.27
C THR A 184 -5.51 29.42 3.70
N HIS A 185 -5.64 29.42 2.38
CA HIS A 185 -6.77 30.07 1.72
C HIS A 185 -6.91 29.53 0.32
N ARG A 186 -8.00 29.88 -0.34
CA ARG A 186 -8.35 29.34 -1.65
C ARG A 186 -7.52 29.96 -2.75
N ARG A 187 -6.93 29.13 -3.59
CA ARG A 187 -6.17 29.61 -4.75
C ARG A 187 -6.51 28.84 -6.01
N LEU A 188 -6.22 29.46 -7.14
CA LEU A 188 -6.42 28.84 -8.45
C LEU A 188 -5.47 27.67 -8.67
N PHE A 189 -6.03 26.60 -9.21
CA PHE A 189 -5.31 25.39 -9.55
C PHE A 189 -5.65 25.04 -11.02
N HIS A 190 -4.61 24.82 -11.82
CA HIS A 190 -4.77 24.66 -13.26
C HIS A 190 -4.82 23.20 -13.66
N LYS A 191 -5.97 22.74 -14.11
CA LYS A 191 -6.11 21.33 -14.41
C LYS A 191 -5.51 21.03 -15.77
N SER A 192 -5.18 19.75 -15.98
CA SER A 192 -4.49 19.35 -17.21
C SER A 192 -5.34 19.53 -18.46
N ASP A 193 -6.66 19.52 -18.31
CA ASP A 193 -7.56 19.80 -19.45
C ASP A 193 -7.65 21.29 -19.83
N GLY A 194 -6.85 22.14 -19.20
CA GLY A 194 -6.85 23.55 -19.54
C GLY A 194 -7.88 24.37 -18.76
N SER A 195 -8.67 23.72 -17.90
CA SER A 195 -9.62 24.42 -17.03
C SER A 195 -8.99 24.76 -15.65
N THR A 196 -9.57 25.72 -14.96
CA THR A 196 -9.02 26.24 -13.70
C THR A 196 -10.07 26.17 -12.61
N VAL A 197 -9.68 25.66 -11.44
CA VAL A 197 -10.56 25.52 -10.27
C VAL A 197 -9.92 26.19 -9.05
N SER A 198 -10.74 26.49 -8.06
CA SER A 198 -10.28 27.10 -6.83
C SER A 198 -10.18 26.03 -5.75
N VAL A 199 -9.08 26.03 -5.00
CA VAL A 199 -8.86 24.99 -3.99
C VAL A 199 -8.12 25.57 -2.82
N PRO A 200 -8.38 25.10 -1.61
CA PRO A 200 -7.58 25.52 -0.46
C PRO A 200 -6.12 25.06 -0.57
N MET A 201 -5.21 26.00 -0.37
CA MET A 201 -3.77 25.69 -0.45
C MET A 201 -3.09 26.22 0.77
N MET A 202 -2.22 25.40 1.34
CA MET A 202 -1.42 25.76 2.51
C MET A 202 -0.17 26.46 2.04
N ALA A 203 0.49 27.16 2.97
CA ALA A 203 1.66 27.97 2.64
C ALA A 203 2.59 28.09 3.84
N GLN A 204 3.87 27.79 3.61
CA GLN A 204 4.88 28.11 4.63
C GLN A 204 6.22 28.51 4.03
N THR A 205 6.94 29.33 4.79
CA THR A 205 8.31 29.72 4.48
C THR A 205 9.23 28.80 5.28
N ASN A 206 10.13 28.11 4.62
CA ASN A 206 10.97 27.10 5.24
C ASN A 206 12.16 26.83 4.34
N LYS A 207 13.17 26.12 4.84
CA LYS A 207 14.29 25.69 4.01
C LYS A 207 14.09 24.26 3.54
N PHE A 208 13.48 24.07 2.38
CA PHE A 208 13.27 22.73 1.82
C PHE A 208 14.29 22.38 0.75
N ASN A 209 14.56 21.08 0.60
CA ASN A 209 15.30 20.61 -0.58
C ASN A 209 14.43 20.82 -1.81
N TYR A 210 14.98 21.50 -2.81
CA TYR A 210 14.28 21.75 -4.06
C TYR A 210 15.22 21.64 -5.27
N THR A 211 15.13 20.50 -5.95
CA THR A 211 16.10 20.08 -6.96
C THR A 211 15.45 20.02 -8.35
N GLU A 212 16.17 20.47 -9.37
CA GLU A 212 15.72 20.37 -10.76
C GLU A 212 16.42 19.20 -11.47
N PHE A 213 15.66 18.42 -12.23
CA PHE A 213 16.17 17.32 -13.03
C PHE A 213 15.62 17.42 -14.45
N THR A 214 16.16 16.59 -15.35
CA THR A 214 15.54 16.42 -16.67
C THR A 214 15.09 14.98 -16.96
N THR A 215 14.01 14.85 -17.73
CA THR A 215 13.63 13.54 -18.31
C THR A 215 14.53 13.26 -19.53
N PRO A 216 14.55 12.01 -20.00
CA PRO A 216 15.31 11.68 -21.22
C PRO A 216 14.96 12.56 -22.43
N ASP A 217 13.68 12.88 -22.61
CA ASP A 217 13.23 13.80 -23.67
C ASP A 217 13.54 15.26 -23.33
N GLY A 218 14.30 15.50 -22.26
CA GLY A 218 14.79 16.82 -21.93
C GLY A 218 13.77 17.79 -21.37
N HIS A 219 12.75 17.25 -20.71
CA HIS A 219 11.79 18.09 -19.98
C HIS A 219 12.28 18.33 -18.55
N TYR A 220 12.20 19.56 -18.11
CA TYR A 220 12.61 19.92 -16.77
C TYR A 220 11.52 19.54 -15.76
N TYR A 221 11.92 18.93 -14.65
CA TYR A 221 11.00 18.72 -13.53
C TYR A 221 11.61 19.03 -12.17
N ASP A 222 10.76 19.44 -11.23
CA ASP A 222 11.24 19.80 -9.90
C ASP A 222 10.75 18.90 -8.78
N ILE A 223 11.66 18.58 -7.87
CA ILE A 223 11.38 17.71 -6.74
C ILE A 223 11.55 18.50 -5.45
N LEU A 224 10.44 18.64 -4.72
CA LEU A 224 10.44 19.29 -3.44
C LEU A 224 10.28 18.24 -2.34
N GLU A 225 11.13 18.29 -1.32
CA GLU A 225 11.06 17.35 -0.21
C GLU A 225 10.43 18.01 1.03
N LEU A 226 9.44 17.34 1.62
CA LEU A 226 8.76 17.82 2.80
C LEU A 226 8.89 16.73 3.87
N PRO A 227 9.78 16.94 4.83
CA PRO A 227 10.00 15.93 5.87
C PRO A 227 8.88 15.92 6.91
N TYR A 228 8.52 14.71 7.34
CA TYR A 228 7.66 14.52 8.48
C TYR A 228 8.49 14.48 9.74
N HIS A 229 7.85 14.44 10.90
CA HIS A 229 8.53 14.57 12.19
C HIS A 229 9.65 13.56 12.40
N GLY A 230 10.79 14.05 12.87
CA GLY A 230 11.94 13.24 13.18
C GLY A 230 12.64 12.66 11.96
N ASP A 231 12.28 13.14 10.77
CA ASP A 231 12.93 12.74 9.51
C ASP A 231 12.78 11.29 9.06
N THR A 232 11.92 10.52 9.73
CA THR A 232 11.73 9.10 9.37
C THR A 232 11.09 8.98 7.98
N LEU A 233 10.05 9.77 7.74
CA LEU A 233 9.36 9.78 6.45
C LEU A 233 9.53 11.14 5.80
N SER A 234 9.45 11.16 4.49
CA SER A 234 9.40 12.39 3.72
C SER A 234 8.33 12.28 2.66
N MET A 235 7.60 13.36 2.41
CA MET A 235 6.82 13.48 1.18
C MET A 235 7.61 14.24 0.13
N PHE A 236 7.69 13.67 -1.05
CA PHE A 236 8.29 14.37 -2.17
C PHE A 236 7.16 14.85 -3.07
N ILE A 237 7.25 16.08 -3.56
CA ILE A 237 6.31 16.58 -4.55
C ILE A 237 7.06 16.78 -5.85
N ALA A 238 6.52 16.25 -6.93
CA ALA A 238 7.19 16.21 -8.22
C ALA A 238 6.31 16.75 -9.32
N ALA A 239 6.85 17.64 -10.15
CA ALA A 239 6.07 18.21 -11.25
C ALA A 239 6.95 18.79 -12.36
N PRO A 240 6.52 18.64 -13.62
CA PRO A 240 7.19 19.33 -14.72
C PRO A 240 7.19 20.83 -14.46
N TYR A 241 8.27 21.54 -14.81
CA TYR A 241 8.31 22.99 -14.60
C TYR A 241 7.35 23.73 -15.53
N GLU A 242 7.23 23.27 -16.76
CA GLU A 242 6.34 23.92 -17.73
C GLU A 242 4.92 23.37 -17.61
N LYS A 243 3.94 24.28 -17.62
CA LYS A 243 2.54 23.87 -17.48
C LYS A 243 2.04 22.97 -18.61
N GLU A 244 2.54 23.18 -19.83
CA GLU A 244 2.14 22.39 -21.00
C GLU A 244 2.56 20.92 -20.96
N VAL A 245 3.46 20.57 -20.03
CA VAL A 245 3.98 19.21 -19.96
C VAL A 245 3.09 18.34 -19.08
N PRO A 246 2.52 17.28 -19.66
CA PRO A 246 1.61 16.38 -18.94
C PRO A 246 2.33 15.61 -17.87
N LEU A 247 1.59 15.23 -16.82
CA LEU A 247 2.18 14.60 -15.65
C LEU A 247 2.74 13.26 -16.01
N SER A 248 2.18 12.65 -17.05
CA SER A 248 2.57 11.31 -17.50
C SER A 248 4.02 11.25 -17.99
N ALA A 249 4.52 12.36 -18.53
CA ALA A 249 5.91 12.44 -18.99
C ALA A 249 6.88 12.25 -17.82
N LEU A 250 6.34 12.34 -16.61
CA LEU A 250 7.14 12.19 -15.42
C LEU A 250 6.84 10.86 -14.71
N THR A 251 5.58 10.46 -14.65
CA THR A 251 5.22 9.17 -14.07
C THR A 251 5.94 7.97 -14.71
N ASN A 252 6.03 7.96 -16.03
CA ASN A 252 6.58 6.80 -16.74
C ASN A 252 8.08 6.54 -16.52
N ILE A 253 8.76 7.49 -15.87
CA ILE A 253 10.23 7.43 -15.67
C ILE A 253 10.64 7.46 -14.20
N LEU A 254 9.68 7.82 -13.33
CA LEU A 254 9.93 8.04 -11.92
C LEU A 254 10.00 6.75 -11.11
N SER A 255 11.11 6.02 -11.29
CA SER A 255 11.35 4.70 -10.72
C SER A 255 11.84 4.71 -9.27
N ALA A 256 11.86 3.51 -8.66
CA ALA A 256 12.34 3.30 -7.30
C ALA A 256 13.78 3.74 -7.13
N GLN A 257 14.58 3.50 -8.19
CA GLN A 257 15.99 3.85 -8.24
C GLN A 257 16.17 5.36 -8.09
N LEU A 258 15.52 6.13 -8.97
CA LEU A 258 15.49 7.60 -8.87
C LEU A 258 15.09 8.12 -7.48
N ILE A 259 13.98 7.63 -6.95
CA ILE A 259 13.42 8.16 -5.71
C ILE A 259 14.37 7.95 -4.53
N SER A 260 14.83 6.70 -4.38
CA SER A 260 15.75 6.34 -3.30
C SER A 260 17.05 7.15 -3.36
N HIS A 261 17.28 7.84 -4.48
CA HIS A 261 18.49 8.64 -4.70
C HIS A 261 18.27 10.13 -4.48
N TRP A 262 17.04 10.53 -4.22
CA TRP A 262 16.72 11.92 -3.89
C TRP A 262 17.32 12.22 -2.51
N LYS A 263 18.12 13.27 -2.44
CA LYS A 263 18.93 13.55 -1.27
C LYS A 263 18.90 15.04 -0.92
N GLY A 264 19.52 15.38 0.20
CA GLY A 264 19.59 16.76 0.66
C GLY A 264 20.31 17.73 -0.26
N ASN A 265 19.95 19.01 -0.13
CA ASN A 265 20.67 20.11 -0.75
C ASN A 265 21.93 20.37 0.06
N MET A 266 23.07 20.53 -0.62
CA MET A 266 24.33 20.91 0.02
C MET A 266 24.14 22.08 0.97
N THR A 267 23.43 23.12 0.51
CA THR A 267 22.93 24.17 1.38
C THR A 267 21.45 24.38 1.07
N ARG A 268 20.60 24.07 2.04
CA ARG A 268 19.15 24.29 1.94
C ARG A 268 18.85 25.78 1.98
N LEU A 269 17.87 26.20 1.20
CA LEU A 269 17.57 27.63 1.09
C LEU A 269 16.13 27.94 1.48
N PRO A 270 15.89 29.11 2.09
CA PRO A 270 14.53 29.51 2.44
C PRO A 270 13.70 29.73 1.18
N ARG A 271 12.46 29.27 1.20
CA ARG A 271 11.51 29.52 0.12
C ARG A 271 10.09 29.53 0.67
N LEU A 272 9.20 30.29 0.05
CA LEU A 272 7.78 30.21 0.39
C LEU A 272 7.17 29.10 -0.46
N LEU A 273 6.66 28.07 0.22
CA LEU A 273 6.00 26.95 -0.41
C LEU A 273 4.49 27.08 -0.28
N VAL A 274 3.83 26.93 -1.42
CA VAL A 274 2.38 26.92 -1.51
C VAL A 274 1.97 25.57 -2.09
N LEU A 275 1.21 24.82 -1.31
CA LEU A 275 0.81 23.44 -1.64
C LEU A 275 -0.66 23.24 -1.35
N PRO A 276 -1.42 22.67 -2.29
CA PRO A 276 -2.81 22.30 -2.00
C PRO A 276 -2.93 21.25 -0.88
N LYS A 277 -3.94 21.42 -0.05
CA LYS A 277 -4.42 20.35 0.81
C LYS A 277 -5.09 19.31 -0.07
N PHE A 278 -5.00 18.04 0.32
CA PHE A 278 -5.80 17.01 -0.31
C PHE A 278 -6.16 15.83 0.61
N SER A 279 -7.31 15.23 0.33
CA SER A 279 -7.73 13.99 0.98
C SER A 279 -8.19 13.04 -0.10
N LEU A 280 -7.41 12.00 -0.37
CA LEU A 280 -7.70 11.10 -1.46
C LEU A 280 -8.00 9.69 -0.95
N GLU A 281 -8.92 9.03 -1.63
CA GLU A 281 -9.25 7.63 -1.40
C GLU A 281 -9.33 6.90 -2.72
N THR A 282 -8.50 5.89 -2.88
CA THR A 282 -8.54 5.10 -4.10
C THR A 282 -8.70 3.63 -3.76
N GLU A 283 -9.63 2.99 -4.46
CA GLU A 283 -9.72 1.55 -4.53
C GLU A 283 -9.19 1.08 -5.88
N VAL A 284 -8.15 0.25 -5.83
CA VAL A 284 -7.55 -0.35 -7.01
C VAL A 284 -7.85 -1.84 -7.08
N ASP A 285 -8.48 -2.25 -8.16
CA ASP A 285 -8.58 -3.68 -8.50
C ASP A 285 -7.24 -4.07 -9.14
N LEU A 286 -6.45 -4.88 -8.43
CA LEU A 286 -5.09 -5.19 -8.88
C LEU A 286 -4.99 -6.13 -10.12
N ARG A 287 -6.08 -6.75 -10.52
CA ARG A 287 -6.04 -7.75 -11.58
C ARG A 287 -5.35 -7.34 -12.87
N LYS A 288 -5.86 -6.30 -13.52
CA LYS A 288 -5.31 -5.84 -14.78
C LYS A 288 -3.87 -5.36 -14.68
N PRO A 289 -3.53 -4.50 -13.70
CA PRO A 289 -2.12 -4.14 -13.47
C PRO A 289 -1.24 -5.38 -13.28
N LEU A 290 -1.64 -6.36 -12.47
CA LEU A 290 -0.82 -7.56 -12.28
C LEU A 290 -0.66 -8.45 -13.54
N GLU A 291 -1.74 -8.59 -14.32
CA GLU A 291 -1.69 -9.32 -15.59
C GLU A 291 -0.79 -8.63 -16.61
N ASN A 292 -0.87 -7.30 -16.67
CA ASN A 292 0.03 -6.53 -17.56
C ASN A 292 1.51 -6.71 -17.20
N LEU A 293 1.80 -7.01 -15.95
CA LEU A 293 3.16 -7.31 -15.53
C LEU A 293 3.51 -8.80 -15.59
N GLY A 294 2.67 -9.58 -16.26
CA GLY A 294 2.92 -11.01 -16.48
C GLY A 294 2.22 -11.97 -15.51
N MET A 295 1.47 -11.48 -14.52
CA MET A 295 0.87 -12.38 -13.55
C MET A 295 -0.57 -12.75 -13.90
N THR A 296 -0.72 -13.56 -14.93
CA THR A 296 -2.02 -13.91 -15.48
C THR A 296 -2.62 -15.19 -14.89
N ASP A 297 -1.78 -16.22 -14.71
CA ASP A 297 -2.20 -17.53 -14.17
C ASP A 297 -2.96 -17.49 -12.84
N MET A 298 -2.52 -16.63 -11.91
CA MET A 298 -3.11 -16.59 -10.57
C MET A 298 -4.62 -16.28 -10.59
N PHE A 299 -5.10 -15.63 -11.65
CA PHE A 299 -6.52 -15.30 -11.78
C PHE A 299 -7.33 -16.33 -12.56
N ARG A 300 -6.67 -17.32 -13.14
CA ARG A 300 -7.37 -18.21 -14.08
C ARG A 300 -7.84 -19.46 -13.39
N GLN A 301 -9.16 -19.62 -13.30
CA GLN A 301 -9.78 -20.74 -12.61
C GLN A 301 -9.05 -22.10 -12.58
N PHE A 302 -8.70 -22.65 -13.74
CA PHE A 302 -8.07 -23.97 -13.75
C PHE A 302 -6.52 -23.93 -13.86
N GLN A 303 -6.00 -22.88 -14.49
CA GLN A 303 -4.57 -22.70 -14.70
C GLN A 303 -3.82 -22.33 -13.41
N ALA A 304 -4.47 -21.53 -12.56
CA ALA A 304 -3.88 -21.08 -11.31
C ALA A 304 -3.34 -22.29 -10.54
N ASP A 305 -2.14 -22.15 -9.98
CA ASP A 305 -1.49 -23.20 -9.21
C ASP A 305 -1.19 -22.63 -7.84
N PHE A 306 -2.06 -22.97 -6.89
CA PHE A 306 -1.87 -22.64 -5.47
C PHE A 306 -1.70 -23.93 -4.69
N THR A 307 -1.00 -24.91 -5.28
CA THR A 307 -0.80 -26.20 -4.63
C THR A 307 0.09 -26.16 -3.39
N SER A 308 0.78 -25.05 -3.13
CA SER A 308 1.54 -24.96 -1.88
C SER A 308 0.63 -24.62 -0.71
N LEU A 309 -0.51 -23.99 -1.01
CA LEU A 309 -1.52 -23.65 0.00
C LEU A 309 -2.48 -24.83 0.20
N SER A 310 -3.04 -25.33 -0.90
CA SER A 310 -3.93 -26.48 -0.84
C SER A 310 -3.77 -27.36 -2.07
N ASP A 311 -3.46 -28.65 -1.87
CA ASP A 311 -3.45 -29.59 -3.00
C ASP A 311 -4.70 -30.50 -3.04
N GLN A 312 -5.74 -30.07 -2.33
CA GLN A 312 -7.01 -30.82 -2.20
C GLN A 312 -8.01 -30.44 -3.30
N GLU A 313 -8.27 -29.14 -3.44
CA GLU A 313 -9.20 -28.61 -4.43
C GLU A 313 -8.55 -27.49 -5.25
N PRO A 314 -9.09 -27.24 -6.46
CA PRO A 314 -8.61 -26.12 -7.29
C PRO A 314 -8.81 -24.77 -6.63
N LEU A 315 -7.83 -23.87 -6.82
CA LEU A 315 -7.85 -22.52 -6.28
C LEU A 315 -7.33 -21.50 -7.27
N HIS A 316 -7.92 -20.32 -7.23
CA HIS A 316 -7.47 -19.19 -8.01
C HIS A 316 -7.97 -17.95 -7.29
N VAL A 317 -7.34 -16.80 -7.59
CA VAL A 317 -7.66 -15.53 -6.94
C VAL A 317 -8.92 -14.95 -7.59
N ALA A 318 -9.96 -14.82 -6.78
CA ALA A 318 -11.22 -14.27 -7.25
C ALA A 318 -11.13 -12.76 -7.29
N LEU A 319 -10.34 -12.20 -6.36
CA LEU A 319 -10.28 -10.77 -6.16
C LEU A 319 -8.97 -10.39 -5.49
N ALA A 320 -8.35 -9.32 -6.00
CA ALA A 320 -7.12 -8.77 -5.46
C ALA A 320 -7.28 -7.25 -5.40
N LEU A 321 -7.36 -6.72 -4.18
CA LEU A 321 -7.75 -5.34 -3.94
C LEU A 321 -6.71 -4.60 -3.11
N GLN A 322 -6.47 -3.34 -3.48
CA GLN A 322 -5.81 -2.44 -2.57
C GLN A 322 -6.70 -1.22 -2.40
N LYS A 323 -6.82 -0.77 -1.16
CA LYS A 323 -7.54 0.46 -0.95
C LYS A 323 -6.70 1.35 -0.05
N VAL A 324 -6.48 2.58 -0.51
CA VAL A 324 -5.60 3.52 0.18
C VAL A 324 -6.34 4.80 0.42
N LYS A 325 -6.16 5.32 1.63
CA LYS A 325 -6.63 6.65 1.97
C LYS A 325 -5.47 7.51 2.51
N ILE A 326 -5.28 8.68 1.90
CA ILE A 326 -4.23 9.58 2.33
C ILE A 326 -4.79 10.96 2.65
N GLU A 327 -4.26 11.54 3.71
CA GLU A 327 -4.65 12.84 4.16
C GLU A 327 -3.42 13.72 4.20
N VAL A 328 -3.51 14.86 3.51
CA VAL A 328 -2.47 15.87 3.54
C VAL A 328 -3.06 17.21 3.99
N ASN A 329 -2.75 17.61 5.21
CA ASN A 329 -3.20 18.89 5.74
C ASN A 329 -2.07 19.61 6.46
N GLU A 330 -2.42 20.58 7.32
CA GLU A 330 -1.48 21.52 7.93
C GLU A 330 -0.56 20.92 8.99
N SER A 331 -1.05 19.92 9.72
CA SER A 331 -0.26 19.33 10.78
C SER A 331 -0.31 17.81 10.85
N GLY A 332 -1.36 17.20 10.31
CA GLY A 332 -1.60 15.78 10.49
C GLY A 332 -2.15 15.42 11.87
N THR A 333 -2.53 16.43 12.65
CA THR A 333 -3.17 16.23 13.95
C THR A 333 -4.56 16.84 13.93
N VAL A 334 -5.26 16.73 15.06
CA VAL A 334 -6.52 17.43 15.28
C VAL A 334 -6.33 18.83 15.89
N ALA A 335 -5.08 19.30 15.94
CA ALA A 335 -4.76 20.63 16.48
C ALA A 335 -5.12 21.76 15.51
N SER A 336 -4.92 23.00 15.98
CA SER A 336 -5.31 24.22 15.27
C SER A 336 -4.18 25.27 15.30
N SER A 337 -3.00 24.87 14.83
CA SER A 337 -1.82 25.75 14.73
C SER A 337 -1.50 26.55 16.01
N ALA A 348 10.49 39.22 0.50
CA ALA A 348 9.94 37.91 0.14
C ALA A 348 11.00 37.00 -0.52
N PRO A 349 11.09 35.75 -0.08
CA PRO A 349 11.98 34.77 -0.73
C PRO A 349 11.35 34.17 -1.99
N GLU A 350 12.09 33.32 -2.70
CA GLU A 350 11.61 32.64 -3.90
C GLU A 350 10.35 31.86 -3.56
N GLU A 351 9.38 31.84 -4.48
CA GLU A 351 8.12 31.16 -4.22
C GLU A 351 8.02 29.90 -5.06
N ILE A 352 7.73 28.78 -4.41
CA ILE A 352 7.41 27.55 -5.13
C ILE A 352 5.93 27.32 -4.97
N ILE A 353 5.21 27.39 -6.08
CA ILE A 353 3.75 27.30 -6.05
C ILE A 353 3.30 26.07 -6.80
N ILE A 354 2.69 25.13 -6.09
CA ILE A 354 2.17 23.94 -6.71
C ILE A 354 0.69 24.15 -7.05
N ASP A 355 0.44 24.60 -8.29
CA ASP A 355 -0.93 24.91 -8.73
C ASP A 355 -1.27 24.24 -10.04
N ARG A 356 -0.66 23.08 -10.26
CA ARG A 356 -0.96 22.24 -11.40
C ARG A 356 -0.78 20.79 -10.96
N PRO A 357 -1.23 19.82 -11.74
CA PRO A 357 -1.17 18.42 -11.30
C PRO A 357 0.26 17.99 -10.90
N PHE A 358 0.39 17.16 -9.86
CA PHE A 358 1.68 16.76 -9.36
C PHE A 358 1.64 15.30 -8.88
N LEU A 359 2.82 14.67 -8.83
CA LEU A 359 3.00 13.38 -8.17
C LEU A 359 3.53 13.63 -6.77
N PHE A 360 3.12 12.78 -5.84
CA PHE A 360 3.69 12.81 -4.51
C PHE A 360 4.23 11.41 -4.24
N VAL A 361 5.29 11.34 -3.44
CA VAL A 361 5.87 10.09 -3.01
C VAL A 361 6.10 10.23 -1.49
N VAL A 362 5.62 9.27 -0.72
CA VAL A 362 6.01 9.12 0.66
C VAL A 362 7.09 8.06 0.74
N ARG A 363 8.28 8.48 1.19
CA ARG A 363 9.45 7.62 1.30
C ARG A 363 9.78 7.35 2.75
N HIS A 364 10.07 6.09 3.06
CA HIS A 364 10.67 5.72 4.32
C HIS A 364 12.19 5.95 4.21
N ASN A 365 12.67 7.01 4.80
CA ASN A 365 14.06 7.43 4.59
C ASN A 365 15.22 6.47 4.92
N PRO A 366 15.18 5.70 6.02
CA PRO A 366 16.29 4.79 6.35
C PRO A 366 16.46 3.63 5.34
N THR A 367 15.38 3.25 4.67
CA THR A 367 15.44 2.14 3.73
C THR A 367 15.32 2.55 2.28
N GLY A 368 14.75 3.74 2.04
CA GLY A 368 14.41 4.16 0.69
C GLY A 368 13.10 3.58 0.19
N THR A 369 12.39 2.88 1.07
CA THR A 369 11.13 2.27 0.68
C THR A 369 10.09 3.31 0.29
N VAL A 370 9.44 3.05 -0.86
CA VAL A 370 8.36 3.89 -1.38
C VAL A 370 7.07 3.36 -0.76
N LEU A 371 6.56 4.05 0.26
CA LEU A 371 5.39 3.60 0.98
C LEU A 371 4.11 3.93 0.23
N PHE A 372 4.04 5.16 -0.27
CA PHE A 372 2.89 5.69 -0.96
C PHE A 372 3.34 6.51 -2.15
N MET A 373 2.44 6.58 -3.13
CA MET A 373 2.70 7.18 -4.42
C MET A 373 1.32 7.57 -4.96
N GLY A 374 1.24 8.67 -5.69
CA GLY A 374 -0.05 9.12 -6.19
C GLY A 374 0.07 10.25 -7.16
N GLN A 375 -1.00 10.51 -7.90
CA GLN A 375 -1.11 11.68 -8.73
C GLN A 375 -2.28 12.49 -8.26
N VAL A 376 -2.07 13.80 -8.16
CA VAL A 376 -3.12 14.71 -7.82
C VAL A 376 -3.39 15.54 -9.02
N MET A 377 -4.51 15.20 -9.66
CA MET A 377 -5.00 15.86 -10.86
C MET A 377 -5.98 16.97 -10.48
N GLU A 378 -6.70 16.81 -9.37
CA GLU A 378 -7.53 17.89 -8.84
C GLU A 378 -7.78 17.75 -7.35
N PRO A 379 -7.18 18.62 -6.55
CA PRO A 379 -7.34 18.55 -5.10
C PRO A 379 -8.80 18.80 -4.75
N GLU B 3 -8.79 -29.32 23.91
CA GLU B 3 -9.64 -28.12 24.19
C GLU B 3 -8.80 -26.88 24.56
N SER B 4 -7.49 -26.99 24.40
CA SER B 4 -6.56 -25.89 24.65
C SER B 4 -5.95 -25.37 23.35
N CYS B 5 -5.48 -24.12 23.36
CA CYS B 5 -4.81 -23.51 22.21
C CYS B 5 -3.29 -23.52 22.30
N LYS B 6 -2.77 -24.02 23.42
CA LYS B 6 -1.33 -24.14 23.66
C LYS B 6 -0.60 -24.75 22.46
N GLY B 7 0.34 -23.99 21.89
CA GLY B 7 1.09 -24.40 20.70
C GLY B 7 0.28 -24.68 19.44
N ARG B 8 -0.89 -24.06 19.30
CA ARG B 8 -1.81 -24.33 18.18
C ARG B 8 -2.16 -23.06 17.39
N CYS B 9 -1.57 -21.94 17.81
CA CYS B 9 -1.93 -20.59 17.36
C CYS B 9 -1.50 -20.25 15.93
N THR B 10 -0.90 -21.24 15.29
CA THR B 10 -0.08 -21.03 14.13
C THR B 10 -0.46 -22.10 13.11
N GLU B 11 -1.47 -22.91 13.45
CA GLU B 11 -1.81 -24.08 12.65
C GLU B 11 -3.07 -23.91 11.82
N GLY B 12 -3.82 -22.84 12.06
CA GLY B 12 -5.00 -22.56 11.29
C GLY B 12 -6.20 -23.36 11.76
N PHE B 13 -7.21 -23.42 10.90
CA PHE B 13 -8.47 -24.10 11.20
C PHE B 13 -8.24 -25.61 11.21
N ASN B 14 -8.83 -26.27 12.19
CA ASN B 14 -8.68 -27.71 12.37
C ASN B 14 -10.06 -28.32 12.64
N VAL B 15 -10.67 -28.89 11.60
CA VAL B 15 -12.02 -29.45 11.65
C VAL B 15 -12.15 -30.58 12.67
N ASP B 16 -11.03 -31.26 12.92
CA ASP B 16 -11.02 -32.40 13.84
C ASP B 16 -11.01 -31.98 15.30
N LYS B 17 -10.49 -30.78 15.59
CA LYS B 17 -10.39 -30.29 16.97
C LYS B 17 -11.72 -29.72 17.46
N LYS B 18 -11.94 -29.81 18.77
CA LYS B 18 -13.23 -29.44 19.38
C LYS B 18 -13.46 -27.94 19.46
N CYS B 19 -12.36 -27.17 19.50
CA CYS B 19 -12.40 -25.70 19.47
C CYS B 19 -11.20 -25.18 18.69
N GLN B 20 -11.34 -23.98 18.12
CA GLN B 20 -10.40 -23.45 17.13
C GLN B 20 -9.45 -22.41 17.69
N CYS B 21 -8.39 -22.13 16.93
CA CYS B 21 -7.32 -21.23 17.38
C CYS B 21 -6.86 -20.28 16.27
N ASP B 22 -7.56 -20.30 15.15
CA ASP B 22 -7.22 -19.47 13.99
C ASP B 22 -7.58 -17.99 14.23
N GLU B 23 -6.98 -17.09 13.46
CA GLU B 23 -7.17 -15.65 13.66
C GLU B 23 -8.64 -15.16 13.54
N LEU B 24 -9.51 -15.91 12.90
CA LEU B 24 -10.89 -15.48 12.77
C LEU B 24 -11.89 -16.21 13.67
N CYS B 25 -11.41 -17.07 14.57
CA CYS B 25 -12.30 -17.97 15.32
C CYS B 25 -13.40 -17.25 16.10
N SER B 26 -13.13 -16.03 16.56
CA SER B 26 -14.12 -15.24 17.29
C SER B 26 -15.35 -14.96 16.42
N TYR B 27 -15.13 -14.74 15.12
CA TYR B 27 -16.21 -14.54 14.17
C TYR B 27 -17.05 -15.80 13.98
N TYR B 28 -16.53 -16.93 14.44
CA TYR B 28 -17.23 -18.20 14.31
C TYR B 28 -17.63 -18.75 15.67
N GLN B 29 -17.43 -17.94 16.72
CA GLN B 29 -17.77 -18.30 18.09
C GLN B 29 -17.24 -19.69 18.45
N SER B 30 -15.98 -19.94 18.12
CA SER B 30 -15.38 -21.27 18.23
C SER B 30 -14.02 -21.28 18.93
N CYS B 31 -13.58 -20.12 19.40
CA CYS B 31 -12.30 -19.98 20.10
C CYS B 31 -12.30 -20.81 21.39
N CYS B 32 -11.24 -21.60 21.59
CA CYS B 32 -10.94 -22.18 22.90
C CYS B 32 -10.82 -21.03 23.91
N THR B 33 -11.21 -21.26 25.16
CA THR B 33 -11.26 -20.21 26.18
C THR B 33 -9.91 -19.56 26.50
N ASP B 34 -8.82 -20.28 26.21
CA ASP B 34 -7.47 -19.75 26.37
C ASP B 34 -6.83 -19.24 25.07
N TYR B 35 -7.64 -19.03 24.03
CA TYR B 35 -7.14 -18.48 22.77
C TYR B 35 -6.43 -17.16 23.02
N THR B 36 -7.06 -16.27 23.78
CA THR B 36 -6.57 -14.93 24.02
C THR B 36 -5.19 -14.93 24.66
N ALA B 37 -5.02 -15.71 25.72
CA ALA B 37 -3.78 -15.77 26.49
C ALA B 37 -2.65 -16.56 25.82
N GLU B 38 -3.01 -17.48 24.92
CA GLU B 38 -2.01 -18.27 24.19
C GLU B 38 -1.61 -17.55 22.89
N CYS B 39 -2.63 -17.18 22.10
CA CYS B 39 -2.44 -16.62 20.77
C CYS B 39 -2.47 -15.10 20.80
#